data_3MLZ
#
_entry.id   3MLZ
#
_cell.length_a   100.413
_cell.length_b   100.413
_cell.length_c   177.757
_cell.angle_alpha   90.000
_cell.angle_beta   90.000
_cell.angle_gamma   120.000
#
_symmetry.space_group_name_H-M   'P 65 2 2'
#
loop_
_entity.id
_entity.type
_entity.pdbx_description
1 polymer 'Human monoclonal anti-HIV-1 gp120 V3 antibody 3074 Fab light chain'
2 polymer 'Human monoclonal anti-HIV-1 gp120 V3 antibody 3074 Fab heavy chain'
3 polymer 'HIV-1 gp120 third variable region (V3) crown'
4 water water
#
loop_
_entity_poly.entity_id
_entity_poly.type
_entity_poly.pdbx_seq_one_letter_code
_entity_poly.pdbx_strand_id
1 'polypeptide(L)'
;QSVLTQPPSVSAAPGQKVTISCSGSSSNIGNNMVSWYQQHPGTAPKLLIYENSKRPSGIPDRFSGSRSGTSATLGIIGLQ
TGDEAEYYCATWDGSLRTVFGGGTKLTVLSQPKAAPSVTLFPPSSEELQANKATLVCLISDFYPGAVTVAWKADSSPVRA
GVETTTPSKQSNNKYAASSYLSLTPEQWKSHRSYSCQVTHEGSTVEKTVAPTEC
;
L
2 'polypeptide(L)'
;QVQLQESGPGLVKPSETLSLTCTVSGGSISGFHWSWIRQPPGKGLEYIGYIYYSGSTSYNPSLKSRVSMSVDTSRNQFSL
ELSSVTAADTAVYYCARDFGEYHYDGRGFQCEGFDLWGQGTLVTVSSASTKGPSVFPLAPSSKSTSGGTAALGCLVKDYF
PEPVTVSWNSGALTSGVHTFPAVLQSSGLYSLSSVVTVPSSSLGTQTYICNVNHKPSNTKVDKKVEPKSC
;
H
3 'polypeptide(L)' SNNTRKGIHIGPGRAFYATGQITGD P
#
# COMPACT_ATOMS: atom_id res chain seq x y z
N GLN A 1 -7.15 1.23 -12.74
CA GLN A 1 -8.50 1.26 -12.11
C GLN A 1 -8.92 -0.13 -11.65
N SER A 2 -9.75 -0.16 -10.60
CA SER A 2 -10.19 -1.36 -9.91
C SER A 2 -11.60 -1.70 -10.34
N VAL A 3 -12.06 -2.85 -9.87
CA VAL A 3 -13.42 -3.28 -10.12
C VAL A 3 -14.35 -2.34 -9.37
N LEU A 4 -14.12 -2.15 -8.06
CA LEU A 4 -14.80 -1.09 -7.33
C LEU A 4 -13.98 0.23 -7.30
N THR A 5 -14.67 1.35 -7.52
CA THR A 5 -14.00 2.65 -7.53
C THR A 5 -14.31 3.52 -6.33
N GLN A 6 -13.27 3.94 -5.63
CA GLN A 6 -13.41 4.97 -4.60
C GLN A 6 -12.48 6.13 -4.92
N PRO A 7 -12.77 7.30 -4.35
CA PRO A 7 -11.95 8.51 -4.39
C PRO A 7 -10.71 8.28 -3.61
N PRO A 8 -9.53 8.58 -4.19
CA PRO A 8 -8.35 8.28 -3.40
C PRO A 8 -8.39 8.99 -2.06
N SER A 9 -8.92 10.21 -2.02
CA SER A 9 -8.89 11.04 -0.81
C SER A 9 -10.18 11.81 -0.52
N VAL A 10 -10.48 12.00 0.76
CA VAL A 10 -11.61 12.81 1.18
C VAL A 10 -11.33 13.51 2.52
N SER A 11 -11.73 14.78 2.63
CA SER A 11 -11.47 15.55 3.86
C SER A 11 -12.65 16.33 4.40
N ALA A 12 -12.69 16.51 5.71
CA ALA A 12 -13.65 17.40 6.36
C ALA A 12 -13.16 17.88 7.72
N ALA A 13 -13.84 18.91 8.23
CA ALA A 13 -13.44 19.55 9.48
C ALA A 13 -14.02 18.81 10.67
N PRO A 14 -13.21 18.61 11.73
CA PRO A 14 -13.70 17.96 12.94
C PRO A 14 -15.13 18.39 13.16
N GLY A 15 -16.04 17.42 13.12
CA GLY A 15 -17.46 17.70 13.38
C GLY A 15 -18.35 17.73 12.16
N GLN A 16 -17.73 17.76 10.97
CA GLN A 16 -18.48 17.78 9.70
C GLN A 16 -18.90 16.41 9.16
N LYS A 17 -19.99 16.41 8.39
CA LYS A 17 -20.46 15.26 7.60
C LYS A 17 -19.47 14.97 6.49
N VAL A 18 -19.31 13.69 6.16
CA VAL A 18 -18.51 13.33 5.01
C VAL A 18 -19.21 12.17 4.33
N THR A 19 -18.81 11.90 3.11
CA THR A 19 -19.38 10.78 2.40
C THR A 19 -18.33 10.16 1.48
N ILE A 20 -18.19 8.85 1.53
CA ILE A 20 -17.27 8.12 0.64
C ILE A 20 -18.07 7.23 -0.29
N SER A 21 -17.73 7.24 -1.58
CA SER A 21 -18.55 6.52 -2.53
C SER A 21 -17.82 5.38 -3.19
N CYS A 22 -18.46 4.23 -3.18
CA CYS A 22 -17.99 3.02 -3.81
C CYS A 22 -18.76 2.84 -5.12
N SER A 23 -18.05 2.71 -6.22
CA SER A 23 -18.71 2.65 -7.50
C SER A 23 -18.35 1.37 -8.28
N GLY A 24 -19.39 0.69 -8.76
CA GLY A 24 -19.24 -0.60 -9.45
C GLY A 24 -20.25 -0.83 -10.55
N SER A 25 -20.79 -2.03 -10.64
CA SER A 25 -21.59 -2.36 -11.80
C SER A 25 -22.48 -3.57 -11.54
N SER A 26 -23.28 -3.92 -12.53
CA SER A 26 -24.19 -5.06 -12.43
C SER A 26 -23.48 -6.31 -12.00
N SER A 27 -22.20 -6.40 -12.37
CA SER A 27 -21.34 -7.54 -12.12
C SER A 27 -21.09 -7.80 -10.64
N ASN A 28 -21.33 -6.76 -9.82
CA ASN A 28 -21.03 -6.80 -8.39
C ASN A 28 -22.12 -6.23 -7.47
N ILE A 29 -22.12 -4.90 -7.33
CA ILE A 29 -23.04 -4.20 -6.46
C ILE A 29 -24.51 -4.33 -6.88
N GLY A 30 -24.76 -4.35 -8.17
CA GLY A 30 -26.09 -4.66 -8.62
C GLY A 30 -26.57 -6.03 -8.18
N ASN A 31 -25.69 -6.83 -7.57
CA ASN A 31 -26.07 -8.18 -7.27
C ASN A 31 -25.56 -8.76 -5.97
N ASN A 32 -24.66 -8.08 -5.29
CA ASN A 32 -24.28 -8.54 -3.96
C ASN A 32 -24.24 -7.36 -3.02
N MET A 33 -24.13 -7.62 -1.70
CA MET A 33 -24.27 -6.57 -0.69
C MET A 33 -22.91 -6.08 -0.29
N VAL A 34 -22.69 -4.78 -0.27
CA VAL A 34 -21.36 -4.31 0.02
C VAL A 34 -21.07 -4.29 1.52
N SER A 35 -19.78 -4.27 1.87
CA SER A 35 -19.36 -4.08 3.24
C SER A 35 -18.30 -3.01 3.29
N TRP A 36 -18.15 -2.42 4.48
CA TRP A 36 -17.24 -1.30 4.70
C TRP A 36 -16.20 -1.54 5.80
N TYR A 37 -14.99 -1.04 5.54
CA TYR A 37 -13.83 -1.24 6.43
C TYR A 37 -13.14 0.06 6.74
N GLN A 38 -12.81 0.22 8.03
CA GLN A 38 -11.92 1.24 8.49
C GLN A 38 -10.58 0.54 8.65
N GLN A 39 -9.49 1.10 8.11
CA GLN A 39 -8.15 0.63 8.44
C GLN A 39 -7.20 1.75 8.93
N HIS A 40 -6.78 1.68 10.20
CA HIS A 40 -5.72 2.58 10.71
C HIS A 40 -4.38 1.97 10.45
N PRO A 41 -3.40 2.80 10.10
CA PRO A 41 -2.22 2.15 9.53
C PRO A 41 -1.51 1.31 10.61
N GLY A 42 -0.98 0.15 10.19
CA GLY A 42 -0.35 -0.80 11.13
C GLY A 42 -1.29 -1.75 11.87
N THR A 43 -2.58 -1.40 11.93
CA THR A 43 -3.61 -2.30 12.45
C THR A 43 -4.33 -3.00 11.28
N ALA A 44 -4.99 -4.14 11.54
CA ALA A 44 -5.76 -4.83 10.50
C ALA A 44 -7.07 -4.10 10.15
N PRO A 45 -7.68 -4.41 8.99
CA PRO A 45 -8.98 -3.80 8.70
C PRO A 45 -10.09 -4.29 9.60
N LYS A 46 -11.02 -3.38 9.89
CA LYS A 46 -12.06 -3.56 10.87
C LYS A 46 -13.40 -3.26 10.21
N LEU A 47 -14.33 -4.17 10.37
CA LEU A 47 -15.63 -4.10 9.74
C LEU A 47 -16.52 -3.01 10.34
N LEU A 48 -16.93 -2.08 9.47
CA LEU A 48 -17.81 -0.95 9.82
C LEU A 48 -19.23 -1.19 9.45
N ILE A 49 -19.48 -1.71 8.25
CA ILE A 49 -20.85 -1.90 7.73
C ILE A 49 -20.92 -3.24 7.01
N TYR A 50 -22.09 -3.87 7.00
CA TYR A 50 -22.21 -5.09 6.24
C TYR A 50 -23.63 -5.12 5.77
N GLU A 51 -23.92 -5.95 4.78
CA GLU A 51 -25.27 -5.98 4.16
C GLU A 51 -25.75 -4.60 3.71
N ASN A 52 -24.91 -3.93 2.92
CA ASN A 52 -25.17 -2.57 2.43
C ASN A 52 -25.19 -1.52 3.51
N SER A 53 -25.93 -1.79 4.58
CA SER A 53 -26.28 -0.77 5.59
C SER A 53 -26.39 -1.25 7.06
N LYS A 54 -26.29 -2.56 7.31
CA LYS A 54 -26.27 -3.04 8.69
C LYS A 54 -24.97 -2.63 9.38
N ARG A 55 -25.01 -2.59 10.72
CA ARG A 55 -23.88 -2.13 11.56
C ARG A 55 -23.55 -3.17 12.65
N PRO A 56 -22.34 -3.75 12.63
CA PRO A 56 -22.03 -4.73 13.67
C PRO A 56 -22.01 -3.96 14.97
N SER A 57 -22.38 -4.59 16.09
CA SER A 57 -22.56 -3.81 17.32
C SER A 57 -21.20 -3.42 17.83
N GLY A 58 -21.05 -2.16 18.22
CA GLY A 58 -19.77 -1.65 18.65
C GLY A 58 -19.38 -0.56 17.68
N ILE A 59 -20.13 -0.48 16.60
CA ILE A 59 -19.91 0.58 15.65
C ILE A 59 -20.93 1.69 15.86
N PRO A 60 -20.43 2.90 16.04
CA PRO A 60 -21.28 4.09 16.17
C PRO A 60 -22.23 4.28 14.98
N ASP A 61 -23.54 4.47 15.23
CA ASP A 61 -24.37 5.14 14.22
C ASP A 61 -23.56 6.38 13.96
N ARG A 62 -23.89 7.14 12.93
CA ARG A 62 -22.95 8.19 12.48
C ARG A 62 -21.97 7.56 11.53
N PHE A 63 -21.75 6.26 11.71
CA PHE A 63 -21.32 5.41 10.61
C PHE A 63 -22.56 4.73 10.05
N SER A 64 -22.86 5.12 8.82
CA SER A 64 -23.93 4.50 8.03
C SER A 64 -23.49 4.32 6.57
N GLY A 65 -23.99 3.26 5.95
CA GLY A 65 -23.71 3.03 4.56
C GLY A 65 -25.04 2.78 3.93
N SER A 66 -25.06 2.79 2.60
CA SER A 66 -26.24 2.40 1.86
C SER A 66 -25.82 2.10 0.45
N ARG A 67 -26.71 1.43 -0.26
CA ARG A 67 -26.51 1.07 -1.65
C ARG A 67 -27.59 1.77 -2.39
N SER A 68 -27.24 2.32 -3.54
CA SER A 68 -28.25 2.68 -4.51
C SER A 68 -27.75 2.31 -5.90
N GLY A 69 -28.62 1.66 -6.67
CA GLY A 69 -28.19 1.09 -7.95
C GLY A 69 -26.94 0.24 -7.80
N THR A 70 -25.98 0.48 -8.70
CA THR A 70 -24.72 -0.23 -8.68
C THR A 70 -23.68 0.61 -7.98
N SER A 71 -24.14 1.41 -7.02
CA SER A 71 -23.21 2.23 -6.29
C SER A 71 -23.50 2.04 -4.84
N ALA A 72 -22.53 2.36 -4.00
CA ALA A 72 -22.74 2.32 -2.57
C ALA A 72 -22.03 3.50 -1.96
N THR A 73 -22.46 3.89 -0.77
CA THR A 73 -21.90 5.05 -0.13
C THR A 73 -21.83 4.86 1.36
N LEU A 74 -20.66 5.13 1.91
CA LEU A 74 -20.44 5.20 3.33
C LEU A 74 -20.60 6.65 3.80
N GLY A 75 -21.36 6.88 4.87
CA GLY A 75 -21.50 8.22 5.46
C GLY A 75 -21.04 8.38 6.91
N ILE A 76 -20.14 9.31 7.15
CA ILE A 76 -19.62 9.51 8.49
C ILE A 76 -20.02 10.87 9.04
N ILE A 77 -20.87 10.87 10.05
CA ILE A 77 -21.38 12.09 10.64
C ILE A 77 -20.57 12.42 11.91
N GLY A 78 -20.57 13.70 12.29
CA GLY A 78 -19.94 14.15 13.53
C GLY A 78 -18.51 13.66 13.62
N LEU A 79 -17.68 14.22 12.74
CA LEU A 79 -16.32 13.74 12.53
C LEU A 79 -15.45 13.85 13.77
N GLN A 80 -14.49 12.94 13.91
CA GLN A 80 -13.59 12.91 15.08
C GLN A 80 -12.16 12.74 14.61
N THR A 81 -11.22 12.61 15.52
CA THR A 81 -9.83 12.56 15.11
C THR A 81 -9.43 11.16 14.80
N GLY A 82 -9.86 10.24 15.67
CA GLY A 82 -9.72 8.80 15.45
C GLY A 82 -10.45 8.30 14.20
N ASP A 83 -11.28 9.14 13.60
CA ASP A 83 -11.88 8.81 12.32
C ASP A 83 -10.92 8.87 11.12
N GLU A 84 -9.75 9.48 11.30
CA GLU A 84 -8.76 9.58 10.25
C GLU A 84 -8.20 8.19 9.98
N ALA A 85 -8.54 7.60 8.84
CA ALA A 85 -7.98 6.32 8.43
C ALA A 85 -8.25 6.06 6.93
N GLU A 86 -7.82 4.91 6.43
CA GLU A 86 -8.19 4.47 5.10
C GLU A 86 -9.49 3.64 5.14
N TYR A 87 -10.43 3.91 4.23
CA TYR A 87 -11.69 3.14 4.17
C TYR A 87 -11.86 2.36 2.87
N TYR A 88 -12.24 1.09 3.00
CA TYR A 88 -12.51 0.24 1.86
C TYR A 88 -13.97 -0.22 1.81
N CYS A 89 -14.49 -0.30 0.59
CA CYS A 89 -15.68 -1.10 0.29
C CYS A 89 -15.35 -2.47 -0.34
N ALA A 90 -16.28 -3.42 -0.27
CA ALA A 90 -16.06 -4.75 -0.83
C ALA A 90 -17.35 -5.55 -1.08
N THR A 91 -17.33 -6.41 -2.11
CA THR A 91 -18.41 -7.37 -2.36
C THR A 91 -17.89 -8.49 -3.21
N TRP A 92 -18.78 -9.43 -3.48
CA TRP A 92 -18.52 -10.48 -4.44
C TRP A 92 -18.60 -9.87 -5.82
N ASP A 93 -17.80 -10.36 -6.74
CA ASP A 93 -17.97 -9.89 -8.11
C ASP A 93 -18.15 -11.08 -9.00
N GLY A 94 -18.90 -10.88 -10.08
CA GLY A 94 -19.23 -11.97 -10.99
C GLY A 94 -18.01 -12.70 -11.48
N SER A 95 -16.85 -12.04 -11.37
CA SER A 95 -15.56 -12.61 -11.80
C SER A 95 -15.09 -13.73 -10.89
N LEU A 96 -15.74 -13.88 -9.73
CA LEU A 96 -15.67 -15.05 -8.84
C LEU A 96 -14.73 -14.84 -7.67
N ARG A 97 -14.82 -13.63 -7.12
CA ARG A 97 -14.03 -13.25 -5.96
C ARG A 97 -14.67 -12.13 -5.16
N THR A 98 -14.24 -12.01 -3.90
CA THR A 98 -14.42 -10.79 -3.18
C THR A 98 -13.47 -9.79 -3.78
N VAL A 99 -13.91 -8.56 -3.78
CA VAL A 99 -13.25 -7.49 -4.49
C VAL A 99 -13.24 -6.24 -3.56
N PHE A 100 -12.16 -5.47 -3.55
CA PHE A 100 -12.21 -4.23 -2.74
C PHE A 100 -11.99 -3.05 -3.65
N GLY A 101 -12.53 -1.91 -3.25
CA GLY A 101 -12.26 -0.63 -3.87
C GLY A 101 -10.85 -0.25 -3.55
N GLY A 102 -10.34 0.76 -4.21
CA GLY A 102 -8.93 1.11 -4.14
C GLY A 102 -8.52 1.70 -2.82
N GLY A 103 -9.48 2.22 -2.06
CA GLY A 103 -9.18 2.68 -0.72
C GLY A 103 -9.12 4.19 -0.64
N THR A 104 -10.01 4.77 0.12
CA THR A 104 -10.12 6.20 0.31
C THR A 104 -9.44 6.59 1.60
N LYS A 105 -8.46 7.49 1.49
CA LYS A 105 -7.84 8.09 2.66
C LYS A 105 -8.70 9.25 3.11
N LEU A 106 -9.26 9.13 4.31
CA LEU A 106 -10.06 10.20 4.93
C LEU A 106 -9.21 10.98 5.91
N THR A 107 -9.01 12.27 5.60
CA THR A 107 -8.18 13.13 6.42
C THR A 107 -9.11 14.09 7.17
N VAL A 108 -8.94 14.23 8.49
CA VAL A 108 -9.80 15.14 9.24
C VAL A 108 -9.04 16.42 9.43
N LEU A 109 -9.56 17.48 8.81
CA LEU A 109 -8.80 18.71 8.54
C LEU A 109 -8.24 19.40 9.78
N SER A 110 -6.99 19.12 10.12
CA SER A 110 -6.42 19.66 11.35
C SER A 110 -5.87 21.07 11.11
N GLN A 111 -5.20 21.22 9.97
CA GLN A 111 -4.60 22.47 9.51
C GLN A 111 -5.20 22.79 8.14
N PRO A 112 -4.68 23.84 7.45
CA PRO A 112 -5.34 24.10 6.17
C PRO A 112 -4.69 23.36 5.02
N LYS A 113 -5.27 23.53 3.85
CA LYS A 113 -4.90 22.79 2.66
C LYS A 113 -3.55 23.19 2.03
N ALA A 114 -2.55 22.33 2.21
CA ALA A 114 -1.20 22.55 1.68
C ALA A 114 -0.92 21.82 0.37
N ALA A 115 -0.78 22.60 -0.71
CA ALA A 115 -0.38 22.07 -2.02
C ALA A 115 1.07 21.59 -1.98
N PRO A 116 1.38 20.45 -2.62
CA PRO A 116 2.70 19.82 -2.59
C PRO A 116 3.80 20.56 -3.36
N SER A 117 5.04 20.28 -2.97
CA SER A 117 6.19 21.05 -3.38
C SER A 117 7.20 20.07 -3.99
N VAL A 118 7.30 20.08 -5.31
CA VAL A 118 7.96 19.00 -6.06
C VAL A 118 9.38 19.30 -6.57
N THR A 119 10.28 18.36 -6.33
CA THR A 119 11.66 18.49 -6.76
C THR A 119 12.09 17.19 -7.42
N LEU A 120 12.85 17.28 -8.50
CA LEU A 120 13.26 16.11 -9.26
C LEU A 120 14.75 16.14 -9.53
N PHE A 121 15.51 15.26 -8.88
CA PHE A 121 16.96 15.15 -9.14
C PHE A 121 17.24 14.22 -10.32
N PRO A 122 18.12 14.65 -11.25
CA PRO A 122 18.51 13.72 -12.30
C PRO A 122 19.57 12.74 -11.81
N PRO A 123 19.65 11.55 -12.42
CA PRO A 123 20.62 10.53 -12.07
C PRO A 123 21.99 11.14 -11.91
N SER A 124 22.60 10.89 -10.74
CA SER A 124 23.91 11.42 -10.41
C SER A 124 25.02 10.74 -11.21
N SER A 125 26.01 11.54 -11.61
CA SER A 125 27.16 11.04 -12.36
C SER A 125 27.82 9.83 -11.71
N GLU A 126 28.12 9.93 -10.42
CA GLU A 126 28.75 8.85 -9.67
C GLU A 126 27.96 7.55 -9.74
N GLU A 127 26.64 7.64 -9.90
CA GLU A 127 25.85 6.46 -10.18
C GLU A 127 26.17 6.00 -11.61
N LEU A 128 26.00 6.90 -12.57
CA LEU A 128 26.25 6.62 -13.98
C LEU A 128 27.64 6.02 -14.19
N GLN A 129 28.62 6.53 -13.45
CA GLN A 129 30.01 6.05 -13.49
C GLN A 129 30.15 4.57 -13.11
N ALA A 130 29.17 4.03 -12.37
CA ALA A 130 29.07 2.57 -12.11
C ALA A 130 28.02 1.89 -13.00
N ASN A 131 27.72 2.54 -14.13
CA ASN A 131 26.72 2.09 -15.14
C ASN A 131 25.31 1.73 -14.63
N LYS A 132 24.72 2.69 -13.89
CA LYS A 132 23.31 2.64 -13.47
C LYS A 132 22.70 4.03 -13.53
N ALA A 133 21.36 4.08 -13.47
CA ALA A 133 20.64 5.35 -13.40
C ALA A 133 19.40 5.22 -12.52
N THR A 134 19.03 6.31 -11.83
CA THR A 134 17.79 6.41 -11.06
C THR A 134 17.37 7.89 -10.95
N LEU A 135 16.11 8.21 -11.26
CA LEU A 135 15.57 9.56 -11.08
C LEU A 135 14.78 9.65 -9.79
N VAL A 136 15.05 10.65 -8.97
CA VAL A 136 14.45 10.72 -7.64
C VAL A 136 13.54 11.92 -7.48
N CYS A 137 12.24 11.68 -7.39
CA CYS A 137 11.25 12.74 -7.33
C CYS A 137 10.70 12.90 -5.90
N LEU A 138 10.96 14.05 -5.28
CA LEU A 138 10.56 14.31 -3.89
C LEU A 138 9.49 15.36 -3.77
N ILE A 139 8.44 15.01 -3.05
CA ILE A 139 7.25 15.83 -2.91
C ILE A 139 7.15 16.31 -1.47
N SER A 140 6.74 17.56 -1.26
CA SER A 140 6.87 18.16 0.06
C SER A 140 5.69 18.96 0.58
N ASP A 141 5.64 19.05 1.91
CA ASP A 141 4.78 20.00 2.60
C ASP A 141 3.36 19.99 2.11
N PHE A 142 2.74 18.81 2.03
CA PHE A 142 1.36 18.78 1.57
C PHE A 142 0.35 18.26 2.58
N TYR A 143 -0.88 18.74 2.46
CA TYR A 143 -1.98 18.35 3.34
C TYR A 143 -3.28 18.61 2.58
N PRO A 144 -4.21 17.62 2.55
CA PRO A 144 -4.15 16.29 3.16
C PRO A 144 -2.95 15.47 2.68
N GLY A 145 -2.53 14.48 3.46
CA GLY A 145 -1.40 13.67 3.02
C GLY A 145 -1.77 12.62 1.99
N ALA A 146 -1.90 13.01 0.71
CA ALA A 146 -2.39 12.10 -0.33
C ALA A 146 -2.06 12.58 -1.73
N VAL A 147 -1.17 11.86 -2.42
CA VAL A 147 -0.74 12.22 -3.78
C VAL A 147 -0.85 11.08 -4.77
N THR A 148 -1.03 11.41 -6.05
CA THR A 148 -0.92 10.43 -7.13
C THR A 148 0.26 10.84 -7.96
N VAL A 149 1.16 9.91 -8.20
CA VAL A 149 2.32 10.18 -9.03
C VAL A 149 2.17 9.53 -10.40
N ALA A 150 2.57 10.26 -11.43
CA ALA A 150 2.72 9.70 -12.78
C ALA A 150 4.10 10.06 -13.33
N TRP A 151 4.61 9.24 -14.25
CA TRP A 151 5.89 9.51 -14.95
C TRP A 151 5.75 9.45 -16.47
N LYS A 152 6.32 10.44 -17.17
CA LYS A 152 6.34 10.46 -18.64
C LYS A 152 7.74 10.65 -19.23
N ALA A 153 7.95 10.08 -20.42
CA ALA A 153 9.23 10.13 -21.15
C ALA A 153 9.10 10.96 -22.43
N ASP A 154 9.82 12.10 -22.48
CA ASP A 154 9.59 13.14 -23.50
C ASP A 154 8.12 13.60 -23.45
N SER A 155 7.22 12.61 -23.44
CA SER A 155 5.82 12.76 -23.05
C SER A 155 5.12 11.39 -23.13
N SER A 156 5.92 10.32 -23.03
CA SER A 156 5.45 8.92 -22.99
C SER A 156 5.10 8.43 -21.58
N PRO A 157 3.82 8.13 -21.31
CA PRO A 157 3.44 7.56 -20.00
C PRO A 157 4.12 6.24 -19.73
N VAL A 158 5.13 6.24 -18.85
CA VAL A 158 5.79 5.02 -18.38
C VAL A 158 5.25 4.61 -17.01
N ARG A 159 4.87 3.34 -16.90
CA ARG A 159 4.42 2.77 -15.64
C ARG A 159 5.52 1.92 -15.01
N ALA A 160 6.48 1.46 -15.81
CA ALA A 160 7.38 0.40 -15.37
C ALA A 160 8.72 0.86 -14.76
N GLY A 161 9.05 0.29 -13.60
CA GLY A 161 10.25 0.67 -12.86
C GLY A 161 9.95 1.62 -11.72
N VAL A 162 8.71 2.11 -11.68
CA VAL A 162 8.24 3.05 -10.65
C VAL A 162 8.22 2.40 -9.26
N GLU A 163 8.51 3.22 -8.25
CA GLU A 163 8.41 2.87 -6.84
C GLU A 163 8.08 4.10 -6.02
N THR A 164 6.86 4.19 -5.51
CA THR A 164 6.47 5.33 -4.72
C THR A 164 6.22 4.93 -3.30
N THR A 165 6.73 5.72 -2.37
CA THR A 165 6.46 5.52 -0.94
C THR A 165 5.11 6.12 -0.57
N THR A 166 4.44 5.54 0.44
CA THR A 166 3.28 6.18 1.03
C THR A 166 3.68 7.46 1.76
N PRO A 167 2.84 8.50 1.65
CA PRO A 167 3.06 9.73 2.36
C PRO A 167 3.46 9.56 3.82
N SER A 168 4.56 10.19 4.20
CA SER A 168 5.02 10.26 5.59
C SER A 168 4.82 11.66 6.20
N LYS A 169 4.45 11.67 7.49
CA LYS A 169 4.32 12.93 8.21
C LYS A 169 5.69 13.54 8.52
N GLN A 170 5.76 14.84 8.28
CA GLN A 170 6.93 15.67 8.51
C GLN A 170 6.91 16.25 9.91
N SER A 171 8.09 16.70 10.36
CA SER A 171 8.24 17.44 11.59
C SER A 171 7.18 18.53 11.70
N ASN A 172 6.87 19.19 10.59
CA ASN A 172 5.87 20.25 10.60
C ASN A 172 4.40 19.80 10.49
N ASN A 173 4.16 18.49 10.73
CA ASN A 173 2.82 17.88 10.64
C ASN A 173 2.22 17.86 9.22
N LYS A 174 3.08 18.06 8.22
CA LYS A 174 2.71 17.98 6.80
C LYS A 174 3.33 16.74 6.13
N TYR A 175 2.88 16.44 4.91
CA TYR A 175 3.28 15.19 4.30
C TYR A 175 4.34 15.29 3.22
N ALA A 176 5.22 14.30 3.26
CA ALA A 176 6.27 14.08 2.26
C ALA A 176 6.00 12.77 1.53
N ALA A 177 6.74 12.55 0.43
CA ALA A 177 6.62 11.34 -0.36
C ALA A 177 7.73 11.33 -1.40
N SER A 178 8.08 10.16 -1.90
CA SER A 178 9.13 10.02 -2.89
C SER A 178 8.85 8.89 -3.87
N SER A 179 8.96 9.18 -5.15
CA SER A 179 8.99 8.15 -6.20
C SER A 179 10.41 7.95 -6.74
N TYR A 180 10.68 6.78 -7.31
CA TYR A 180 11.97 6.52 -7.93
C TYR A 180 11.82 5.77 -9.26
N LEU A 181 12.21 6.43 -10.37
CA LEU A 181 12.24 5.81 -11.72
C LEU A 181 13.60 5.22 -12.10
N SER A 182 13.72 3.89 -12.02
CA SER A 182 14.96 3.24 -12.41
C SER A 182 15.10 3.04 -13.92
N LEU A 183 16.34 3.09 -14.41
CA LEU A 183 16.64 2.97 -15.83
C LEU A 183 18.02 2.35 -16.11
N THR A 184 18.44 2.55 -17.35
CA THR A 184 19.81 2.33 -17.76
C THR A 184 20.27 3.60 -18.46
N PRO A 185 21.58 3.92 -18.38
CA PRO A 185 22.02 5.18 -18.96
C PRO A 185 21.65 5.31 -20.44
N GLU A 186 21.38 4.18 -21.10
CA GLU A 186 20.92 4.17 -22.49
C GLU A 186 19.64 4.96 -22.55
N GLN A 187 18.70 4.59 -21.69
CA GLN A 187 17.38 5.17 -21.66
C GLN A 187 17.44 6.65 -21.32
N TRP A 188 18.06 6.99 -20.19
CA TRP A 188 18.19 8.39 -19.75
C TRP A 188 18.73 9.29 -20.86
N LYS A 189 19.53 8.71 -21.76
CA LYS A 189 20.11 9.41 -22.91
C LYS A 189 19.25 9.31 -24.17
N SER A 190 18.48 8.23 -24.29
CA SER A 190 17.65 7.95 -25.48
C SER A 190 16.42 8.86 -25.60
N HIS A 191 16.28 9.78 -24.65
CA HIS A 191 15.15 10.70 -24.60
C HIS A 191 15.60 12.13 -24.32
N ARG A 192 14.96 13.09 -24.98
CA ARG A 192 15.17 14.49 -24.63
C ARG A 192 14.14 14.85 -23.56
N SER A 193 14.44 14.46 -22.30
CA SER A 193 13.61 14.75 -21.11
C SER A 193 12.81 13.59 -20.47
N TYR A 194 12.60 13.72 -19.15
CA TYR A 194 11.65 12.93 -18.34
C TYR A 194 10.85 13.82 -17.39
N SER A 195 9.61 13.43 -17.09
CA SER A 195 8.74 14.24 -16.21
C SER A 195 8.22 13.49 -14.97
N CYS A 196 7.96 14.22 -13.89
CA CYS A 196 7.28 13.72 -12.69
C CYS A 196 5.94 14.44 -12.57
N GLN A 197 4.85 13.69 -12.33
CA GLN A 197 3.48 14.25 -12.46
C GLN A 197 2.56 14.06 -11.23
N VAL A 198 2.51 15.06 -10.36
CA VAL A 198 1.81 14.91 -9.08
C VAL A 198 0.43 15.57 -9.02
N THR A 199 -0.61 14.75 -8.96
CA THR A 199 -1.95 15.24 -8.71
C THR A 199 -2.21 15.18 -7.21
N HIS A 200 -2.68 16.30 -6.65
CA HIS A 200 -3.01 16.41 -5.24
C HIS A 200 -4.33 17.14 -5.08
N GLU A 201 -5.28 16.50 -4.39
CA GLU A 201 -6.63 17.04 -4.19
C GLU A 201 -7.34 17.45 -5.48
N GLY A 202 -6.70 17.15 -6.61
CA GLY A 202 -7.28 17.38 -7.93
C GLY A 202 -6.48 18.37 -8.74
N SER A 203 -5.26 18.65 -8.32
CA SER A 203 -4.46 19.67 -8.96
C SER A 203 -3.03 19.18 -9.17
N THR A 204 -2.56 19.27 -10.42
CA THR A 204 -1.27 18.68 -10.84
C THR A 204 -0.11 19.65 -11.08
N VAL A 205 0.92 19.61 -10.25
CA VAL A 205 2.18 20.25 -10.63
C VAL A 205 3.24 19.24 -11.04
N GLU A 206 4.19 19.67 -11.86
CA GLU A 206 5.27 18.81 -12.37
C GLU A 206 6.63 19.50 -12.57
N LYS A 207 7.68 18.71 -12.55
CA LYS A 207 9.04 19.19 -12.81
C LYS A 207 9.61 18.28 -13.88
N THR A 208 10.47 18.82 -14.72
CA THR A 208 10.91 18.11 -15.93
C THR A 208 12.40 18.27 -16.10
N VAL A 209 13.14 17.16 -15.99
CA VAL A 209 14.59 17.18 -16.17
C VAL A 209 15.02 16.44 -17.43
N ALA A 210 16.11 16.93 -18.03
CA ALA A 210 16.64 16.39 -19.29
C ALA A 210 18.08 15.92 -19.12
N PRO A 211 18.55 15.01 -20.01
CA PRO A 211 19.97 14.64 -19.99
C PRO A 211 20.89 15.89 -20.11
N THR A 212 20.59 16.77 -21.07
CA THR A 212 21.38 18.01 -21.29
C THR A 212 21.09 19.15 -20.28
N GLU A 213 22.05 19.31 -19.36
CA GLU A 213 22.21 20.50 -18.50
C GLU A 213 23.71 20.56 -18.16
N CYS A 214 24.50 21.23 -19.01
CA CYS A 214 25.98 21.17 -19.00
C CYS A 214 26.52 20.35 -20.20
N GLN B 1 -12.91 -12.34 22.51
CA GLN B 1 -13.75 -13.47 22.11
C GLN B 1 -13.02 -14.39 21.11
N VAL B 2 -13.57 -14.65 19.92
CA VAL B 2 -12.89 -15.54 18.95
C VAL B 2 -11.75 -14.76 18.31
N GLN B 3 -10.55 -15.34 18.32
CA GLN B 3 -9.35 -14.64 17.81
C GLN B 3 -8.58 -15.53 16.86
N LEU B 4 -8.11 -14.95 15.74
CA LEU B 4 -7.30 -15.69 14.76
C LEU B 4 -5.88 -15.18 14.76
N GLN B 5 -4.93 -16.00 14.32
CA GLN B 5 -3.49 -15.70 14.45
C GLN B 5 -2.69 -16.28 13.30
N GLU B 6 -1.98 -15.41 12.59
CA GLU B 6 -1.22 -15.83 11.42
C GLU B 6 0.13 -16.33 11.87
N SER B 7 0.59 -17.39 11.25
CA SER B 7 1.92 -17.87 11.57
C SER B 7 2.59 -18.44 10.33
N GLY B 8 3.91 -18.39 10.33
CA GLY B 8 4.66 -18.85 9.18
C GLY B 8 5.91 -18.03 9.05
N PRO B 9 6.83 -18.46 8.17
CA PRO B 9 8.03 -17.72 7.80
C PRO B 9 7.75 -16.24 7.56
N GLY B 10 8.76 -15.41 7.74
CA GLY B 10 8.69 -14.00 7.39
C GLY B 10 9.44 -13.64 6.11
N LEU B 11 10.33 -14.52 5.67
CA LEU B 11 11.13 -14.27 4.45
C LEU B 11 11.22 -15.50 3.60
N VAL B 12 11.03 -15.35 2.30
CA VAL B 12 10.87 -16.50 1.41
C VAL B 12 11.50 -16.21 0.05
N LYS B 13 12.31 -17.15 -0.42
CA LYS B 13 13.05 -17.01 -1.69
C LYS B 13 12.13 -17.22 -2.91
N PRO B 14 12.17 -16.31 -3.89
CA PRO B 14 11.35 -16.45 -5.11
C PRO B 14 11.43 -17.84 -5.71
N SER B 15 10.34 -18.24 -6.37
CA SER B 15 10.12 -19.59 -6.89
C SER B 15 9.75 -20.65 -5.82
N GLU B 16 10.16 -20.47 -4.56
CA GLU B 16 9.74 -21.41 -3.49
C GLU B 16 8.22 -21.30 -3.20
N THR B 17 7.69 -22.17 -2.34
CA THR B 17 6.31 -22.03 -1.82
C THR B 17 6.19 -21.19 -0.55
N LEU B 18 5.28 -20.23 -0.53
CA LEU B 18 4.88 -19.55 0.70
C LEU B 18 3.87 -20.38 1.52
N SER B 19 4.14 -20.60 2.79
CA SER B 19 3.15 -21.24 3.66
C SER B 19 2.86 -20.48 4.95
N LEU B 20 1.59 -20.54 5.32
CA LEU B 20 1.05 -19.83 6.46
C LEU B 20 -0.08 -20.62 7.03
N THR B 21 -0.30 -20.43 8.33
CA THR B 21 -1.33 -21.10 9.04
C THR B 21 -2.02 -20.03 9.83
N CYS B 22 -3.34 -20.05 9.75
CA CYS B 22 -4.15 -19.28 10.65
C CYS B 22 -4.59 -20.20 11.80
N THR B 23 -4.43 -19.70 13.02
CA THR B 23 -4.79 -20.46 14.20
C THR B 23 -5.92 -19.77 14.90
N VAL B 24 -7.01 -20.51 15.12
CA VAL B 24 -8.25 -19.93 15.66
C VAL B 24 -8.46 -20.32 17.12
N SER B 25 -9.02 -19.41 17.92
CA SER B 25 -9.30 -19.70 19.33
C SER B 25 -10.46 -18.95 19.94
N GLY B 26 -11.06 -19.56 20.95
CA GLY B 26 -12.28 -18.99 21.50
C GLY B 26 -13.54 -19.48 20.81
N GLY B 27 -13.36 -20.08 19.64
CA GLY B 27 -14.44 -20.67 18.86
C GLY B 27 -14.00 -21.80 17.94
N SER B 28 -14.98 -22.52 17.40
CA SER B 28 -14.71 -23.59 16.44
C SER B 28 -14.62 -23.06 15.02
N ILE B 29 -13.79 -23.75 14.21
CA ILE B 29 -13.73 -23.56 12.75
C ILE B 29 -15.08 -23.88 12.15
N SER B 30 -15.76 -24.85 12.76
CA SER B 30 -17.02 -25.39 12.26
C SER B 30 -18.10 -24.40 11.97
N GLY B 31 -18.59 -24.51 10.74
CA GLY B 31 -19.76 -23.78 10.31
C GLY B 31 -19.39 -22.49 9.63
N PHE B 32 -18.09 -22.25 9.44
CA PHE B 32 -17.69 -21.02 8.81
C PHE B 32 -16.86 -21.28 7.61
N HIS B 33 -16.86 -20.30 6.69
CA HIS B 33 -15.90 -20.21 5.58
C HIS B 33 -14.79 -19.31 6.04
N TRP B 34 -13.56 -19.56 5.60
CA TRP B 34 -12.44 -18.78 6.11
C TRP B 34 -11.52 -18.36 5.01
N SER B 35 -10.85 -17.22 5.16
CA SER B 35 -10.06 -16.64 4.04
C SER B 35 -8.70 -16.10 4.35
N TRP B 36 -7.83 -16.10 3.36
CA TRP B 36 -6.61 -15.28 3.38
C TRP B 36 -6.78 -14.08 2.46
N ILE B 37 -6.33 -12.94 2.95
CA ILE B 37 -6.36 -11.68 2.22
C ILE B 37 -5.05 -11.01 2.44
N ARG B 38 -4.38 -10.60 1.38
CA ARG B 38 -3.02 -10.05 1.55
C ARG B 38 -3.03 -8.56 1.30
N GLN B 39 -1.96 -7.87 1.69
CA GLN B 39 -1.84 -6.46 1.37
C GLN B 39 -0.40 -6.06 1.12
N PRO B 40 -0.06 -5.78 -0.13
CA PRO B 40 1.27 -5.28 -0.42
C PRO B 40 1.35 -3.92 0.22
N PRO B 41 2.51 -3.56 0.79
CA PRO B 41 2.59 -2.38 1.69
C PRO B 41 2.26 -1.11 0.92
N GLY B 42 1.40 -0.28 1.49
CA GLY B 42 1.09 0.97 0.83
C GLY B 42 0.06 0.77 -0.25
N LYS B 43 -0.14 -0.49 -0.64
CA LYS B 43 -1.23 -0.82 -1.55
C LYS B 43 -2.48 -1.19 -0.76
N GLY B 44 -3.53 -1.51 -1.48
CA GLY B 44 -4.80 -1.95 -0.90
C GLY B 44 -4.93 -3.47 -0.84
N LEU B 45 -6.14 -3.93 -0.61
CA LEU B 45 -6.38 -5.33 -0.23
C LEU B 45 -6.85 -6.23 -1.34
N GLU B 46 -6.27 -7.42 -1.40
CA GLU B 46 -6.64 -8.41 -2.39
C GLU B 46 -7.03 -9.71 -1.73
N TYR B 47 -8.20 -10.22 -2.10
CA TYR B 47 -8.65 -11.46 -1.52
C TYR B 47 -8.06 -12.61 -2.28
N ILE B 48 -7.57 -13.58 -1.55
CA ILE B 48 -6.95 -14.74 -2.14
C ILE B 48 -7.94 -15.86 -2.36
N GLY B 49 -8.84 -16.12 -1.41
CA GLY B 49 -9.79 -17.21 -1.57
C GLY B 49 -10.44 -17.62 -0.27
N TYR B 50 -11.29 -18.63 -0.33
CA TYR B 50 -11.83 -19.12 0.90
C TYR B 50 -11.91 -20.59 1.01
N ILE B 51 -11.90 -21.07 2.24
CA ILE B 51 -12.12 -22.48 2.46
C ILE B 51 -13.23 -22.73 3.46
N TYR B 52 -14.08 -23.69 3.14
CA TYR B 52 -15.19 -24.03 4.02
C TYR B 52 -14.70 -25.02 5.03
N TYR B 53 -15.23 -24.95 6.24
CA TYR B 53 -14.77 -25.85 7.32
C TYR B 53 -14.68 -27.31 6.89
N SER B 54 -15.58 -27.75 6.03
CA SER B 54 -15.64 -29.16 5.67
C SER B 54 -14.59 -29.46 4.62
N GLY B 55 -13.86 -28.42 4.19
CA GLY B 55 -12.79 -28.55 3.22
C GLY B 55 -12.97 -28.00 1.82
N SER B 56 -14.21 -27.77 1.38
CA SER B 56 -14.41 -27.17 0.04
C SER B 56 -13.78 -25.78 -0.08
N THR B 57 -13.35 -25.43 -1.29
CA THR B 57 -12.60 -24.19 -1.48
C THR B 57 -13.12 -23.40 -2.63
N SER B 58 -12.59 -22.20 -2.78
CA SER B 58 -12.84 -21.34 -3.92
C SER B 58 -11.74 -20.30 -3.97
N TYR B 59 -10.99 -20.29 -5.07
CA TYR B 59 -9.78 -19.48 -5.15
C TYR B 59 -9.92 -18.36 -6.17
N ASN B 60 -9.54 -17.15 -5.78
CA ASN B 60 -9.50 -16.02 -6.68
C ASN B 60 -8.89 -16.45 -8.02
N PRO B 61 -9.63 -16.27 -9.13
CA PRO B 61 -9.24 -16.81 -10.43
C PRO B 61 -7.90 -16.36 -10.93
N SER B 62 -7.42 -15.23 -10.44
CA SER B 62 -6.14 -14.74 -10.89
C SER B 62 -5.02 -15.57 -10.24
N LEU B 63 -5.22 -16.03 -9.00
CA LEU B 63 -4.18 -16.81 -8.32
C LEU B 63 -4.36 -18.34 -8.32
N LYS B 64 -5.59 -18.79 -8.60
CA LYS B 64 -5.98 -20.22 -8.59
C LYS B 64 -4.88 -21.21 -8.96
N SER B 65 -4.14 -20.90 -10.02
CA SER B 65 -3.12 -21.81 -10.50
C SER B 65 -1.88 -21.92 -9.59
N ARG B 66 -1.81 -21.07 -8.58
CA ARG B 66 -0.65 -20.95 -7.71
C ARG B 66 -1.01 -21.20 -6.24
N VAL B 67 -2.31 -21.18 -5.98
CA VAL B 67 -2.78 -21.11 -4.61
C VAL B 67 -3.43 -22.42 -4.14
N SER B 68 -3.34 -22.66 -2.83
CA SER B 68 -3.80 -23.89 -2.22
C SER B 68 -4.17 -23.65 -0.76
N MET B 69 -5.36 -24.04 -0.35
CA MET B 69 -5.74 -23.92 1.07
C MET B 69 -6.27 -25.22 1.65
N SER B 70 -6.14 -25.37 2.96
CA SER B 70 -6.48 -26.64 3.62
C SER B 70 -6.96 -26.34 5.03
N VAL B 71 -7.78 -27.22 5.58
CA VAL B 71 -8.34 -26.94 6.90
C VAL B 71 -8.12 -28.11 7.78
N ASP B 72 -7.69 -27.84 9.01
CA ASP B 72 -7.42 -28.89 9.99
C ASP B 72 -8.30 -28.71 11.22
N THR B 73 -9.46 -29.37 11.17
CA THR B 73 -10.49 -29.33 12.21
C THR B 73 -9.91 -29.61 13.56
N SER B 74 -9.06 -30.63 13.68
CA SER B 74 -8.51 -31.06 15.00
C SER B 74 -7.68 -29.98 15.62
N ARG B 75 -6.76 -29.42 14.87
CA ARG B 75 -5.85 -28.42 15.40
C ARG B 75 -6.54 -27.08 15.47
N ASN B 76 -7.74 -27.02 14.89
CA ASN B 76 -8.49 -25.78 14.77
C ASN B 76 -7.68 -24.77 13.99
N GLN B 77 -7.16 -25.20 12.84
CA GLN B 77 -6.24 -24.39 12.07
C GLN B 77 -6.61 -24.48 10.62
N PHE B 78 -6.37 -23.40 9.87
CA PHE B 78 -6.33 -23.44 8.37
C PHE B 78 -5.13 -22.69 7.81
N SER B 79 -4.91 -22.84 6.50
CA SER B 79 -3.58 -22.61 5.99
C SER B 79 -3.53 -22.26 4.50
N LEU B 80 -2.44 -21.62 4.09
CA LEU B 80 -2.32 -21.21 2.73
C LEU B 80 -1.04 -21.73 2.14
N GLU B 81 -1.06 -21.89 0.81
CA GLU B 81 0.08 -22.29 0.01
C GLU B 81 0.19 -21.45 -1.26
N LEU B 82 1.07 -20.45 -1.24
CA LEU B 82 1.36 -19.71 -2.44
C LEU B 82 2.60 -20.28 -3.11
N SER B 83 2.46 -20.64 -4.37
CA SER B 83 3.52 -21.27 -5.12
C SER B 83 4.21 -20.32 -6.05
N SER B 84 5.48 -20.64 -6.31
CA SER B 84 6.35 -19.95 -7.26
C SER B 84 6.19 -18.48 -7.00
N VAL B 85 6.69 -18.06 -5.87
CA VAL B 85 6.44 -16.72 -5.48
C VAL B 85 7.41 -15.77 -6.17
N THR B 86 6.97 -14.53 -6.32
CA THR B 86 7.85 -13.53 -6.85
C THR B 86 7.76 -12.27 -6.00
N ALA B 87 8.52 -11.26 -6.44
CA ALA B 87 8.51 -9.93 -5.85
C ALA B 87 7.09 -9.47 -5.44
N ALA B 88 6.14 -9.65 -6.35
CA ALA B 88 4.72 -9.29 -6.16
C ALA B 88 3.96 -9.98 -5.01
N ASP B 89 4.52 -11.02 -4.41
CA ASP B 89 3.81 -11.66 -3.33
C ASP B 89 4.21 -11.08 -1.97
N THR B 90 5.11 -10.11 -1.97
CA THR B 90 5.50 -9.46 -0.72
C THR B 90 4.28 -8.71 -0.22
N ALA B 91 3.78 -9.13 0.92
CA ALA B 91 2.60 -8.48 1.49
C ALA B 91 2.46 -8.77 2.97
N VAL B 92 1.72 -7.93 3.68
CA VAL B 92 1.08 -8.39 4.91
C VAL B 92 -0.04 -9.37 4.48
N TYR B 93 -0.02 -10.54 5.09
CA TYR B 93 -1.04 -11.54 4.88
C TYR B 93 -1.97 -11.65 6.09
N TYR B 94 -3.26 -11.40 5.89
CA TYR B 94 -4.24 -11.56 6.97
C TYR B 94 -5.06 -12.84 6.78
N CYS B 95 -5.51 -13.47 7.86
CA CYS B 95 -6.52 -14.52 7.73
C CYS B 95 -7.80 -14.00 8.32
N ALA B 96 -8.93 -14.56 7.91
CA ALA B 96 -10.20 -13.94 8.26
C ALA B 96 -11.38 -14.89 8.26
N ARG B 97 -12.40 -14.57 9.06
CA ARG B 97 -13.67 -15.25 8.94
C ARG B 97 -14.58 -14.45 8.00
N ASP B 98 -15.32 -15.18 7.18
CA ASP B 98 -16.15 -14.64 6.12
C ASP B 98 -17.64 -14.63 6.43
N PHE B 99 -18.42 -13.90 5.61
CA PHE B 99 -19.89 -13.99 5.59
C PHE B 99 -20.34 -13.50 4.24
N GLY B 100 -21.62 -13.65 3.91
CA GLY B 100 -22.06 -13.41 2.54
C GLY B 100 -23.32 -14.13 2.13
N GLU B 101 -23.55 -14.30 0.83
CA GLU B 101 -24.77 -14.97 0.38
C GLU B 101 -24.52 -16.45 0.02
N TYR B 102 -25.40 -17.33 0.46
CA TYR B 102 -25.27 -18.72 0.01
C TYR B 102 -26.31 -19.10 -1.04
N HIS B 103 -25.91 -19.85 -2.07
CA HIS B 103 -26.88 -20.36 -3.02
C HIS B 103 -26.87 -21.86 -3.11
N TYR B 104 -28.07 -22.44 -3.14
CA TYR B 104 -28.19 -23.90 -3.31
C TYR B 104 -28.06 -24.32 -4.79
N ASP B 105 -27.96 -23.30 -5.66
CA ASP B 105 -27.81 -23.31 -7.13
C ASP B 105 -26.73 -24.15 -7.70
N GLY B 106 -25.68 -24.32 -6.91
CA GLY B 106 -24.40 -24.66 -7.47
C GLY B 106 -23.38 -23.53 -7.34
N ARG B 107 -23.80 -22.26 -7.16
CA ARG B 107 -22.79 -21.20 -6.91
C ARG B 107 -22.33 -21.08 -5.47
N GLY B 108 -23.02 -21.76 -4.58
CA GLY B 108 -22.57 -21.92 -3.21
C GLY B 108 -22.34 -20.59 -2.56
N PHE B 109 -21.22 -20.45 -1.86
CA PHE B 109 -20.95 -19.26 -1.01
C PHE B 109 -20.41 -18.09 -1.82
N GLN B 110 -21.14 -16.97 -1.76
CA GLN B 110 -20.62 -15.72 -2.33
C GLN B 110 -20.05 -14.86 -1.24
N CYS B 111 -18.74 -14.67 -1.26
CA CYS B 111 -18.09 -14.02 -0.16
C CYS B 111 -18.17 -12.52 -0.34
N GLU B 112 -18.78 -11.83 0.63
CA GLU B 112 -18.96 -10.35 0.60
C GLU B 112 -18.28 -9.75 1.82
N GLY B 113 -17.65 -10.65 2.58
CA GLY B 113 -17.65 -10.67 4.03
C GLY B 113 -16.49 -10.17 4.81
N PHE B 114 -15.83 -11.06 5.55
CA PHE B 114 -14.78 -10.70 6.58
C PHE B 114 -15.19 -9.79 7.75
N ASP B 115 -15.60 -10.40 8.85
CA ASP B 115 -15.93 -9.69 10.09
C ASP B 115 -14.87 -9.91 11.13
N LEU B 116 -14.00 -10.88 10.90
CA LEU B 116 -12.96 -11.24 11.83
C LEU B 116 -11.61 -11.42 11.18
N TRP B 117 -10.60 -10.75 11.72
CA TRP B 117 -9.27 -10.72 11.10
C TRP B 117 -8.21 -11.01 12.10
N GLY B 118 -7.17 -11.71 11.67
CA GLY B 118 -5.93 -11.80 12.40
C GLY B 118 -5.26 -10.42 12.37
N GLN B 119 -4.11 -10.31 13.00
CA GLN B 119 -3.31 -9.10 12.99
C GLN B 119 -2.50 -8.96 11.70
N GLY B 120 -2.36 -10.06 10.97
CA GLY B 120 -1.60 -10.07 9.72
C GLY B 120 -0.12 -10.31 9.98
N THR B 121 0.52 -10.94 9.02
CA THR B 121 1.95 -11.18 9.09
C THR B 121 2.55 -10.75 7.77
N LEU B 122 3.71 -10.10 7.84
CA LEU B 122 4.39 -9.57 6.67
C LEU B 122 5.18 -10.71 6.07
N VAL B 123 5.11 -10.90 4.77
CA VAL B 123 6.00 -11.88 4.18
C VAL B 123 6.75 -11.21 3.06
N THR B 124 8.08 -11.33 3.10
CA THR B 124 9.00 -10.70 2.15
C THR B 124 9.60 -11.76 1.24
N VAL B 125 9.47 -11.54 -0.07
CA VAL B 125 9.96 -12.48 -1.05
C VAL B 125 11.27 -11.93 -1.55
N SER B 126 12.34 -12.69 -1.36
CA SER B 126 13.65 -12.22 -1.79
C SER B 126 14.77 -13.26 -1.82
N SER B 127 15.59 -13.10 -2.85
CA SER B 127 16.76 -13.92 -3.11
C SER B 127 17.96 -13.19 -2.56
N ALA B 128 17.85 -11.87 -2.51
CA ALA B 128 18.91 -11.00 -2.01
C ALA B 128 19.58 -11.58 -0.78
N SER B 129 20.90 -11.39 -0.71
CA SER B 129 21.71 -12.02 0.34
C SER B 129 22.67 -11.07 1.07
N THR B 130 22.10 -10.09 1.77
CA THR B 130 22.80 -9.27 2.76
C THR B 130 23.90 -8.34 2.20
N LYS B 131 23.58 -7.71 1.07
CA LYS B 131 24.45 -6.76 0.40
C LYS B 131 24.45 -5.47 1.21
N GLY B 132 25.56 -4.74 1.25
CA GLY B 132 25.53 -3.37 1.77
C GLY B 132 25.16 -2.41 0.66
N PRO B 133 24.67 -1.21 1.00
CA PRO B 133 24.14 -0.29 -0.03
C PRO B 133 25.22 0.47 -0.76
N SER B 134 24.86 1.04 -1.90
CA SER B 134 25.73 1.98 -2.59
C SER B 134 25.14 3.39 -2.43
N VAL B 135 25.93 4.29 -1.86
CA VAL B 135 25.44 5.64 -1.52
C VAL B 135 25.77 6.72 -2.56
N PHE B 136 24.74 7.37 -3.07
CA PHE B 136 24.87 8.32 -4.16
C PHE B 136 24.32 9.67 -3.77
N PRO B 137 24.96 10.73 -4.28
CA PRO B 137 24.55 12.10 -3.98
C PRO B 137 23.29 12.47 -4.71
N LEU B 138 22.45 13.23 -4.02
CA LEU B 138 21.31 13.81 -4.69
C LEU B 138 21.67 15.25 -5.03
N ALA B 139 22.11 15.42 -6.28
CA ALA B 139 22.47 16.72 -6.85
C ALA B 139 21.63 17.85 -6.24
N PRO B 140 22.28 18.73 -5.46
CA PRO B 140 21.56 19.83 -4.79
C PRO B 140 20.87 20.75 -5.81
N SER B 141 19.55 20.88 -5.66
CA SER B 141 18.68 21.73 -6.50
C SER B 141 19.38 22.34 -7.73
N SER B 142 20.35 23.23 -7.49
CA SER B 142 21.18 23.89 -8.52
C SER B 142 20.38 24.71 -9.52
N LYS B 143 20.90 25.89 -9.85
CA LYS B 143 20.24 26.87 -10.74
C LYS B 143 18.72 27.13 -10.46
N SER B 144 18.43 28.35 -9.99
CA SER B 144 17.05 28.85 -9.80
C SER B 144 16.49 28.71 -8.36
N THR B 145 16.11 29.84 -7.75
CA THR B 145 15.63 29.83 -6.36
C THR B 145 14.38 30.70 -6.09
N SER B 146 13.20 30.11 -6.27
CA SER B 146 11.94 30.73 -5.85
C SER B 146 11.41 30.04 -4.58
N GLY B 147 10.82 30.84 -3.69
CA GLY B 147 10.56 30.41 -2.31
C GLY B 147 11.74 30.84 -1.46
N GLY B 148 12.96 30.48 -1.89
CA GLY B 148 14.20 30.99 -1.29
C GLY B 148 15.17 29.96 -0.72
N THR B 149 14.77 28.70 -0.69
CA THR B 149 15.60 27.61 -0.13
C THR B 149 15.88 26.50 -1.15
N ALA B 150 16.84 25.64 -0.82
CA ALA B 150 17.20 24.53 -1.69
C ALA B 150 17.13 23.21 -0.93
N ALA B 151 17.20 22.11 -1.68
CA ALA B 151 17.10 20.79 -1.10
C ALA B 151 18.10 19.83 -1.75
N LEU B 152 18.57 18.88 -0.94
CA LEU B 152 19.50 17.84 -1.38
C LEU B 152 19.25 16.60 -0.53
N GLY B 153 19.92 15.50 -0.85
CA GLY B 153 19.87 14.34 0.00
C GLY B 153 20.87 13.29 -0.39
N CYS B 154 20.61 12.07 0.06
CA CYS B 154 21.36 10.88 -0.34
C CYS B 154 20.43 9.86 -1.00
N LEU B 155 20.98 9.01 -1.85
CA LEU B 155 20.23 7.89 -2.40
C LEU B 155 20.88 6.57 -2.02
N VAL B 156 20.35 5.93 -0.99
CA VAL B 156 20.82 4.62 -0.56
C VAL B 156 19.99 3.52 -1.24
N LYS B 157 20.70 2.64 -1.93
CA LYS B 157 20.18 1.80 -3.00
C LYS B 157 20.81 0.41 -2.95
N ASP B 158 19.96 -0.61 -3.15
CA ASP B 158 20.32 -2.03 -3.26
C ASP B 158 21.00 -2.55 -1.99
N TYR B 159 20.19 -2.87 -0.99
CA TYR B 159 20.67 -3.44 0.26
C TYR B 159 19.64 -4.37 0.90
N PHE B 160 20.10 -5.20 1.85
CA PHE B 160 19.30 -6.27 2.41
C PHE B 160 20.11 -6.90 3.52
N PRO B 161 19.54 -7.04 4.72
CA PRO B 161 18.18 -6.63 5.03
C PRO B 161 18.13 -5.19 5.55
N GLU B 162 16.92 -4.65 5.68
CA GLU B 162 16.77 -3.40 6.39
C GLU B 162 16.98 -3.64 7.90
N PRO B 163 17.26 -2.58 8.68
CA PRO B 163 17.14 -1.19 8.28
C PRO B 163 18.43 -0.61 7.76
N VAL B 164 18.46 0.71 7.78
CA VAL B 164 19.64 1.52 7.64
C VAL B 164 19.35 2.75 8.48
N THR B 165 20.39 3.36 9.03
CA THR B 165 20.26 4.66 9.66
C THR B 165 21.03 5.73 8.90
N VAL B 166 20.31 6.80 8.57
CA VAL B 166 20.90 7.95 7.97
C VAL B 166 20.93 9.07 8.99
N SER B 167 22.16 9.41 9.36
CA SER B 167 22.48 10.59 10.14
C SER B 167 22.84 11.69 9.13
N TRP B 168 23.14 12.90 9.63
CA TRP B 168 23.61 14.04 8.82
C TRP B 168 24.65 14.86 9.60
N ASN B 169 25.69 15.36 8.91
CA ASN B 169 26.78 16.14 9.53
C ASN B 169 27.33 15.47 10.78
N SER B 170 27.40 14.14 10.70
CA SER B 170 27.76 13.25 11.80
C SER B 170 26.79 13.29 13.02
N GLY B 171 25.78 14.15 12.94
CA GLY B 171 24.77 14.28 14.00
C GLY B 171 24.37 15.72 14.26
N ALA B 172 25.05 16.64 13.57
CA ALA B 172 24.98 18.07 13.87
C ALA B 172 23.71 18.72 13.35
N LEU B 173 23.20 18.21 12.22
CA LEU B 173 21.96 18.72 11.61
C LEU B 173 20.76 17.72 11.69
N THR B 174 19.84 17.96 12.63
CA THR B 174 18.57 17.22 12.70
C THR B 174 17.41 18.21 12.79
N SER B 175 17.07 18.77 11.63
CA SER B 175 15.99 19.74 11.48
C SER B 175 15.81 20.00 9.99
N GLY B 176 14.57 19.94 9.53
CA GLY B 176 14.26 19.92 8.11
C GLY B 176 14.90 18.70 7.46
N VAL B 177 14.92 17.58 8.19
CA VAL B 177 15.53 16.32 7.73
C VAL B 177 14.49 15.22 7.68
N HIS B 178 14.18 14.76 6.47
CA HIS B 178 13.26 13.65 6.27
C HIS B 178 13.96 12.41 5.70
N THR B 179 13.99 11.33 6.48
CA THR B 179 14.38 10.03 5.95
C THR B 179 13.12 9.36 5.42
N PHE B 180 13.07 9.14 4.11
CA PHE B 180 11.90 8.51 3.53
C PHE B 180 11.87 7.03 3.88
N PRO B 181 10.69 6.39 3.78
CA PRO B 181 10.67 4.98 4.15
C PRO B 181 11.37 4.10 3.12
N ALA B 182 11.86 2.97 3.59
CA ALA B 182 12.57 2.01 2.77
C ALA B 182 11.64 1.34 1.76
N VAL B 183 11.76 1.72 0.48
CA VAL B 183 11.04 1.03 -0.60
C VAL B 183 11.67 -0.34 -0.96
N LEU B 184 10.91 -1.28 -1.48
CA LEU B 184 11.48 -2.58 -1.89
C LEU B 184 11.26 -2.86 -3.38
N GLN B 185 12.35 -3.04 -4.10
CA GLN B 185 12.31 -3.12 -5.56
C GLN B 185 12.19 -4.57 -6.02
N SER B 186 11.67 -4.74 -7.25
CA SER B 186 11.52 -6.05 -7.88
C SER B 186 12.82 -6.89 -7.93
N SER B 187 13.90 -6.37 -7.33
CA SER B 187 15.21 -7.03 -7.24
C SER B 187 15.33 -7.94 -6.01
N GLY B 188 14.67 -7.52 -4.94
CA GLY B 188 14.81 -8.20 -3.66
C GLY B 188 15.56 -7.24 -2.79
N LEU B 189 15.84 -6.07 -3.37
CA LEU B 189 16.72 -5.10 -2.73
C LEU B 189 16.08 -3.76 -2.41
N TYR B 190 16.32 -3.29 -1.19
CA TYR B 190 15.75 -2.07 -0.66
C TYR B 190 16.41 -0.79 -1.15
N SER B 191 15.68 0.31 -1.04
CA SER B 191 16.19 1.65 -1.27
C SER B 191 15.38 2.69 -0.52
N LEU B 192 16.06 3.68 0.02
CA LEU B 192 15.38 4.83 0.56
C LEU B 192 16.19 6.07 0.28
N SER B 193 15.71 7.19 0.82
CA SER B 193 16.37 8.47 0.67
C SER B 193 16.17 9.40 1.84
N SER B 194 17.26 10.07 2.22
CA SER B 194 17.22 11.18 3.18
C SER B 194 17.34 12.50 2.44
N VAL B 195 16.78 13.54 3.04
CA VAL B 195 16.68 14.84 2.41
C VAL B 195 16.60 15.91 3.49
N VAL B 196 17.44 16.94 3.37
CA VAL B 196 17.35 18.12 4.23
C VAL B 196 17.17 19.39 3.41
N THR B 197 16.15 20.18 3.77
CA THR B 197 15.91 21.49 3.19
C THR B 197 16.85 22.51 3.86
N VAL B 198 17.58 23.25 3.02
CA VAL B 198 18.58 24.26 3.46
C VAL B 198 18.57 25.57 2.67
N PRO B 199 18.86 26.69 3.37
CA PRO B 199 19.20 27.98 2.79
C PRO B 199 19.97 27.95 1.46
N SER B 200 19.46 28.71 0.49
CA SER B 200 20.07 28.90 -0.83
C SER B 200 21.34 29.77 -0.73
N SER B 201 21.94 29.78 0.47
CA SER B 201 23.14 30.54 0.71
C SER B 201 24.26 29.61 1.15
N SER B 202 25.20 29.35 0.24
CA SER B 202 25.05 29.70 -1.19
C SER B 202 24.48 28.52 -1.99
N LEU B 203 25.11 27.35 -1.94
CA LEU B 203 26.40 27.11 -1.26
C LEU B 203 27.53 26.77 -2.29
N GLY B 204 28.71 26.28 -1.86
CA GLY B 204 29.12 26.15 -0.45
C GLY B 204 29.38 27.49 0.20
N THR B 205 29.36 27.51 1.53
CA THR B 205 29.21 26.30 2.33
C THR B 205 27.86 26.29 3.09
N GLN B 206 27.65 25.40 4.08
CA GLN B 206 28.67 24.48 4.63
C GLN B 206 28.68 23.12 3.92
N THR B 207 28.96 22.05 4.68
CA THR B 207 29.00 20.68 4.15
C THR B 207 29.15 19.67 5.31
N TYR B 208 28.25 18.67 5.52
CA TYR B 208 27.00 18.24 4.82
C TYR B 208 27.10 16.77 4.38
N ILE B 209 27.41 15.88 5.31
CA ILE B 209 27.67 14.46 5.00
C ILE B 209 26.56 13.53 5.51
N CYS B 210 26.43 12.37 4.86
CA CYS B 210 25.46 11.34 5.25
C CYS B 210 26.14 10.26 6.00
N ASN B 211 25.54 9.85 7.12
CA ASN B 211 26.08 8.74 7.90
C ASN B 211 25.19 7.53 7.78
N VAL B 212 25.39 6.83 6.67
CA VAL B 212 24.63 5.67 6.37
C VAL B 212 25.31 4.51 7.05
N ASN B 213 24.52 3.75 7.79
CA ASN B 213 25.00 2.52 8.42
C ASN B 213 24.15 1.32 7.99
N HIS B 214 24.75 0.36 7.27
CA HIS B 214 24.11 -0.93 7.13
C HIS B 214 24.71 -1.89 8.17
N LYS B 215 24.13 -1.80 9.37
CA LYS B 215 24.58 -2.51 10.56
C LYS B 215 24.63 -4.05 10.38
N PRO B 216 23.62 -4.64 9.71
CA PRO B 216 23.74 -6.06 9.31
C PRO B 216 24.94 -6.47 8.43
N SER B 217 25.48 -5.55 7.62
CA SER B 217 26.65 -5.86 6.78
C SER B 217 27.83 -4.96 7.11
N ASN B 218 27.84 -4.46 8.35
CA ASN B 218 28.88 -3.55 8.84
C ASN B 218 29.44 -2.62 7.76
N THR B 219 28.55 -1.86 7.14
CA THR B 219 28.94 -0.84 6.20
C THR B 219 28.46 0.52 6.68
N LYS B 220 29.40 1.23 7.29
CA LYS B 220 29.29 2.66 7.58
C LYS B 220 29.80 3.43 6.37
N VAL B 221 29.03 4.40 5.91
CA VAL B 221 29.44 5.20 4.76
C VAL B 221 29.09 6.66 4.99
N ASP B 222 30.13 7.49 4.93
CA ASP B 222 29.99 8.93 4.92
C ASP B 222 29.99 9.35 3.47
N LYS B 223 29.28 10.42 3.15
CA LYS B 223 29.28 10.90 1.77
C LYS B 223 29.16 12.39 1.64
N LYS B 224 30.12 12.95 0.91
CA LYS B 224 30.24 14.38 0.65
C LYS B 224 29.32 14.77 -0.51
N VAL B 225 28.30 15.57 -0.21
CA VAL B 225 27.34 16.03 -1.23
C VAL B 225 27.59 17.50 -1.67
N GLU B 226 28.43 17.68 -2.69
CA GLU B 226 28.81 19.02 -3.15
C GLU B 226 28.12 19.45 -4.47
N PRO B 227 27.44 20.62 -4.44
CA PRO B 227 26.54 21.31 -5.40
C PRO B 227 26.75 21.15 -6.92
N LYS B 228 25.88 21.84 -7.68
CA LYS B 228 25.77 21.79 -9.16
C LYS B 228 26.90 21.10 -9.95
N SER B 229 27.92 21.87 -10.36
CA SER B 229 28.94 21.42 -11.30
C SER B 229 28.41 21.57 -12.74
N CYS B 230 27.52 22.54 -12.94
CA CYS B 230 26.87 22.77 -14.24
C CYS B 230 27.34 24.04 -14.95
N THR C 4 -31.14 -15.67 -11.18
CA THR C 4 -31.38 -14.69 -10.05
C THR C 4 -31.67 -15.36 -8.71
N ARG C 5 -32.84 -16.04 -8.67
CA ARG C 5 -33.41 -16.63 -7.47
C ARG C 5 -32.55 -17.80 -6.95
N LYS C 6 -31.91 -17.66 -5.78
CA LYS C 6 -31.63 -16.42 -5.02
C LYS C 6 -31.63 -16.78 -3.57
N GLY C 7 -30.65 -16.28 -2.83
CA GLY C 7 -30.89 -16.02 -1.41
C GLY C 7 -30.18 -16.77 -0.31
N ILE C 8 -30.59 -16.47 0.91
CA ILE C 8 -29.94 -16.89 2.16
C ILE C 8 -28.64 -16.12 2.37
N HIS C 9 -28.77 -15.07 3.17
CA HIS C 9 -27.66 -14.29 3.65
C HIS C 9 -27.12 -14.90 4.92
N ILE C 10 -25.89 -15.42 4.89
CA ILE C 10 -25.13 -15.70 6.09
C ILE C 10 -24.63 -14.37 6.60
N GLY C 11 -25.17 -13.92 7.72
CA GLY C 11 -24.62 -12.74 8.37
C GLY C 11 -23.32 -13.02 9.09
N PRO C 12 -22.68 -11.97 9.67
CA PRO C 12 -21.42 -12.08 10.36
C PRO C 12 -21.48 -12.87 11.63
N GLY C 13 -20.66 -13.91 11.70
CA GLY C 13 -20.53 -14.73 12.86
C GLY C 13 -21.73 -15.59 13.07
N ARG C 14 -22.38 -15.99 11.99
CA ARG C 14 -23.52 -16.91 12.06
C ARG C 14 -23.21 -18.19 11.29
N ALA C 15 -23.34 -19.33 11.95
CA ALA C 15 -22.87 -20.58 11.37
C ALA C 15 -23.88 -21.09 10.39
N PHE C 16 -23.39 -21.89 9.45
CA PHE C 16 -24.20 -22.36 8.37
C PHE C 16 -23.65 -23.68 7.93
N TYR C 17 -24.56 -24.60 7.57
CA TYR C 17 -24.27 -25.99 7.27
C TYR C 17 -25.07 -26.49 6.08
N ALA C 18 -24.37 -26.98 5.05
CA ALA C 18 -25.01 -27.32 3.77
C ALA C 18 -24.94 -28.80 3.37
N THR C 19 -23.70 -29.33 3.22
CA THR C 19 -23.38 -30.54 2.38
C THR C 19 -24.18 -30.59 1.06
N GLY C 20 -25.23 -31.43 1.04
CA GLY C 20 -26.11 -31.62 -0.12
C GLY C 20 -25.59 -32.68 -1.10
N GLN C 21 -25.65 -32.37 -2.40
CA GLN C 21 -26.20 -31.11 -2.87
C GLN C 21 -27.51 -31.36 -3.61
N ILE C 22 -28.41 -32.07 -2.94
CA ILE C 22 -29.77 -32.41 -3.44
C ILE C 22 -29.89 -32.95 -4.90
N THR C 23 -28.92 -32.62 -5.77
CA THR C 23 -28.77 -33.25 -7.09
C THR C 23 -27.60 -34.24 -7.14
N GLY C 24 -26.83 -34.33 -6.05
CA GLY C 24 -25.78 -35.34 -5.91
C GLY C 24 -24.39 -34.98 -6.42
N ASP C 25 -23.40 -35.80 -6.02
CA ASP C 25 -21.98 -35.50 -6.29
C ASP C 25 -21.25 -36.58 -7.11
#